data_3ARO
#
_entry.id   3ARO
#
_cell.length_a   64.820
_cell.length_b   50.550
_cell.length_c   93.260
_cell.angle_alpha   90.000
_cell.angle_beta   99.680
_cell.angle_gamma   90.000
#
_symmetry.space_group_name_H-M   'P 1 21 1'
#
loop_
_entity.id
_entity.type
_entity.pdbx_description
1 polymer 'Chitinase A'
2 non-polymer GLYCEROL
3 water water
#
_entity_poly.entity_id   1
_entity_poly.type   'polypeptide(L)'
_entity_poly.pdbx_seq_one_letter_code
;APTAPSIDMYGSNNLQFSKIELAMETTSGYNDMVKYHELAKIKVKFNQWSGTSGDTYNVYFDGVKVATGAITGSQTTASF
EYGQGGLYQMEIEACDATGCSKSAPVEITIADTDGSHLKPLTMNVDPNNKSYNTDPSIVMGTYFVEWGIYGRDYTVDNMP
VDNLTHILYGFIPICGPNESVKSVGGNSFNALQTACRGVNDYEVVIHDPWAAYQKSFPQAGHEYSTPIKGNYAMLMALKQ
RNPDLKIIPSIGGWTLSDPFYDFVDKKNRDTFVASVKKFLKTWKFYDGVDIDWEFPGGGGAAADKGDPVNDGPAYIALMR
ELRVMLDELEAETGRTYELTSAIGVGYDKIEDVDYADAVQYMDYIFAMTYDFYGGWNNVPGHQTALYCGSFMRPGQCDGG
GVDENGEPYKGPAYTADNGIQLLLAQGVPANKLVLGTAMYGRGWEGVTPDTLTDPNDPMTGTATGKLKGSTAQGVWEDGV
IDYKGIKSFMLGANNTGINGFEYGYDAQAEAPWVWNRSTGELITFDDHRSVLAKGNYAKSLGLAGLFSWEIDADNGDILN
AMHEGMAGGVVTPPNRRSHHHHHH
;
_entity_poly.pdbx_strand_id   A
#
loop_
_chem_comp.id
_chem_comp.type
_chem_comp.name
_chem_comp.formula
GOL non-polymer GLYCEROL 'C3 H8 O3'
#
# COMPACT_ATOMS: atom_id res chain seq x y z
N ALA A 1 23.35 -2.08 -52.10
CA ALA A 1 24.03 -0.75 -52.05
C ALA A 1 23.06 0.38 -51.79
N PRO A 2 23.24 0.96 -50.59
CA PRO A 2 24.25 0.43 -49.62
C PRO A 2 23.94 -0.98 -49.08
N THR A 3 24.94 -1.71 -48.60
CA THR A 3 24.61 -2.95 -47.92
C THR A 3 23.79 -2.65 -46.67
N ALA A 4 22.88 -3.57 -46.44
CA ALA A 4 21.92 -3.55 -45.37
C ALA A 4 22.67 -3.65 -44.04
N PRO A 5 22.40 -2.70 -43.11
CA PRO A 5 22.85 -2.84 -41.71
C PRO A 5 22.58 -4.22 -41.13
N SER A 6 23.60 -4.81 -40.52
CA SER A 6 23.28 -5.99 -39.76
C SER A 6 23.57 -5.72 -38.28
N ILE A 7 22.51 -5.90 -37.51
CA ILE A 7 22.43 -5.42 -36.14
C ILE A 7 23.19 -6.38 -35.21
N ASP A 8 24.06 -5.84 -34.36
CA ASP A 8 24.81 -6.66 -33.41
C ASP A 8 23.90 -6.78 -32.19
N MET A 9 23.29 -7.94 -32.02
CA MET A 9 22.36 -8.20 -30.91
C MET A 9 23.02 -8.29 -29.50
N TYR A 10 24.36 -8.34 -29.41
CA TYR A 10 25.03 -8.71 -28.14
C TYR A 10 25.58 -7.55 -27.35
N GLY A 11 25.41 -7.64 -26.03
CA GLY A 11 25.90 -6.60 -25.12
C GLY A 11 24.87 -5.58 -24.70
N SER A 12 23.61 -5.78 -25.11
CA SER A 12 22.61 -4.85 -24.71
C SER A 12 21.40 -5.54 -24.03
N ASN A 13 21.65 -6.53 -23.18
CA ASN A 13 20.57 -7.22 -22.41
C ASN A 13 19.36 -7.62 -23.31
N ASN A 14 19.72 -8.15 -24.50
CA ASN A 14 18.78 -8.45 -25.59
C ASN A 14 17.99 -7.26 -26.07
N LEU A 15 18.69 -6.18 -26.41
CA LEU A 15 18.03 -4.95 -26.83
C LEU A 15 16.95 -4.63 -25.80
N GLN A 16 17.33 -4.63 -24.52
CA GLN A 16 16.45 -4.04 -23.50
C GLN A 16 17.16 -2.82 -22.98
N PHE A 17 16.49 -1.68 -23.11
CA PHE A 17 16.99 -0.39 -22.62
C PHE A 17 16.05 0.13 -21.57
N SER A 18 16.57 0.60 -20.45
CA SER A 18 15.69 0.92 -19.35
C SER A 18 15.82 2.41 -19.04
N LYS A 19 14.71 3.09 -18.75
CA LYS A 19 14.76 4.46 -18.30
C LYS A 19 15.24 4.54 -16.86
N ILE A 20 15.35 3.40 -16.19
CA ILE A 20 15.71 3.37 -14.76
C ILE A 20 16.87 2.42 -14.57
N GLU A 21 17.91 2.93 -13.95
CA GLU A 21 19.02 2.09 -13.49
C GLU A 21 18.81 1.64 -12.03
N LEU A 22 18.81 0.33 -11.82
CA LEU A 22 18.57 -0.25 -10.50
C LEU A 22 19.75 -1.14 -10.20
N ALA A 23 20.51 -0.81 -9.14
CA ALA A 23 21.58 -1.72 -8.66
C ALA A 23 21.10 -3.15 -8.31
N MET A 24 21.79 -4.13 -8.84
CA MET A 24 21.47 -5.51 -8.61
C MET A 24 22.60 -6.21 -7.84
N GLU A 25 22.29 -7.31 -7.15
CA GLU A 25 23.33 -8.04 -6.37
C GLU A 25 24.15 -7.17 -5.38
N THR A 26 23.47 -6.21 -4.78
CA THR A 26 24.05 -5.36 -3.78
C THR A 26 22.93 -4.68 -3.00
N THR A 27 23.21 -4.21 -1.79
CA THR A 27 22.25 -3.34 -1.11
C THR A 27 23.04 -2.16 -0.62
N SER A 28 22.53 -0.97 -0.91
CA SER A 28 23.34 0.18 -0.71
C SER A 28 22.36 1.36 -0.49
N GLY A 29 22.86 2.59 -0.39
CA GLY A 29 21.96 3.76 -0.26
C GLY A 29 21.02 3.97 -1.43
N TYR A 30 19.82 4.49 -1.13
CA TYR A 30 18.79 4.64 -2.18
C TYR A 30 19.26 5.43 -3.42
N ASN A 31 20.03 6.52 -3.19
CA ASN A 31 20.54 7.33 -4.31
C ASN A 31 21.66 6.68 -5.14
N ASP A 32 22.40 5.79 -4.53
CA ASP A 32 23.29 4.86 -5.23
C ASP A 32 22.57 3.75 -6.00
N MET A 33 21.44 3.23 -5.49
CA MET A 33 20.81 2.09 -6.14
C MET A 33 19.85 2.49 -7.27
N VAL A 34 19.19 3.65 -7.15
CA VAL A 34 18.19 4.03 -8.14
C VAL A 34 18.42 5.39 -8.81
N LYS A 35 18.41 5.37 -10.15
CA LYS A 35 18.67 6.55 -10.99
C LYS A 35 17.68 6.53 -12.15
N TYR A 36 16.85 7.57 -12.27
CA TYR A 36 15.81 7.58 -13.30
C TYR A 36 16.22 8.56 -14.35
N HIS A 37 15.89 8.27 -15.61
CA HIS A 37 16.18 9.24 -16.71
C HIS A 37 14.94 9.45 -17.53
N GLU A 38 14.61 10.71 -17.82
CA GLU A 38 13.46 11.14 -18.64
C GLU A 38 13.57 10.55 -20.07
N LEU A 39 14.80 10.37 -20.55
CA LEU A 39 14.99 9.79 -21.84
C LEU A 39 15.92 8.60 -21.68
N ALA A 40 15.54 7.45 -22.24
CA ALA A 40 16.42 6.27 -22.28
C ALA A 40 17.49 6.46 -23.35
N LYS A 41 18.73 6.14 -23.00
CA LYS A 41 19.84 6.17 -23.92
C LYS A 41 19.84 4.87 -24.71
N ILE A 42 19.60 4.97 -26.00
CA ILE A 42 19.57 3.82 -26.86
C ILE A 42 20.85 3.79 -27.74
N LYS A 43 21.58 2.69 -27.63
CA LYS A 43 22.79 2.45 -28.42
C LYS A 43 22.69 1.12 -29.12
N VAL A 44 22.75 1.17 -30.45
CA VAL A 44 22.72 -0.06 -31.23
C VAL A 44 23.90 -0.12 -32.21
N LYS A 45 24.75 -1.14 -32.10
CA LYS A 45 25.83 -1.35 -33.04
C LYS A 45 25.37 -2.18 -34.25
N PHE A 46 25.75 -1.73 -35.43
CA PHE A 46 25.51 -2.54 -36.63
C PHE A 46 26.73 -2.43 -37.50
N ASN A 47 26.91 -3.43 -38.35
CA ASN A 47 27.98 -3.38 -39.30
C ASN A 47 27.50 -3.58 -40.71
N GLN A 48 28.41 -3.25 -41.62
CA GLN A 48 28.19 -3.37 -43.06
C GLN A 48 29.58 -3.69 -43.63
N TRP A 49 29.87 -4.97 -43.83
CA TRP A 49 31.25 -5.39 -44.07
C TRP A 49 31.55 -5.60 -45.56
N SER A 50 30.56 -6.08 -46.31
CA SER A 50 30.59 -6.08 -47.79
C SER A 50 29.97 -4.82 -48.40
N GLY A 51 30.61 -4.27 -49.42
CA GLY A 51 29.97 -3.25 -50.26
C GLY A 51 29.94 -1.85 -49.69
N THR A 52 28.98 -1.04 -50.13
CA THR A 52 28.95 0.36 -49.77
C THR A 52 28.29 0.59 -48.40
N SER A 53 28.83 1.57 -47.69
CA SER A 53 28.39 1.91 -46.37
C SER A 53 27.17 2.83 -46.38
N GLY A 54 27.17 3.78 -47.31
CA GLY A 54 26.21 4.88 -47.30
C GLY A 54 26.67 6.02 -46.40
N ASP A 55 25.88 7.10 -46.34
CA ASP A 55 26.16 8.29 -45.56
C ASP A 55 25.40 8.31 -44.24
N THR A 56 24.13 7.90 -44.24
CA THR A 56 23.30 8.23 -43.12
C THR A 56 22.50 7.03 -42.73
N TYR A 57 22.20 6.89 -41.42
CA TYR A 57 21.30 5.80 -41.00
C TYR A 57 19.98 6.37 -40.52
N ASN A 58 18.97 5.52 -40.54
CA ASN A 58 17.66 5.79 -39.96
C ASN A 58 17.29 4.57 -39.12
N VAL A 59 16.86 4.82 -37.89
CA VAL A 59 16.14 3.83 -37.07
C VAL A 59 14.60 3.97 -37.13
N TYR A 60 13.91 2.86 -37.33
CA TYR A 60 12.45 2.81 -37.31
C TYR A 60 11.99 1.94 -36.13
N PHE A 61 10.96 2.42 -35.39
CA PHE A 61 10.16 1.57 -34.46
C PHE A 61 8.82 1.40 -35.11
N ASP A 62 8.41 0.15 -35.31
CA ASP A 62 7.14 -0.20 -35.95
C ASP A 62 6.88 0.63 -37.20
N GLY A 63 7.91 0.78 -38.04
CA GLY A 63 7.78 1.49 -39.28
C GLY A 63 7.82 3.00 -39.19
N VAL A 64 7.99 3.54 -38.00
CA VAL A 64 8.05 5.01 -37.88
C VAL A 64 9.48 5.45 -37.56
N LYS A 65 10.01 6.43 -38.30
CA LYS A 65 11.38 6.93 -38.06
C LYS A 65 11.53 7.59 -36.69
N VAL A 66 12.52 7.17 -35.91
CA VAL A 66 12.70 7.68 -34.55
C VAL A 66 14.07 8.27 -34.34
N ALA A 67 15.01 8.00 -35.26
CA ALA A 67 16.38 8.54 -35.13
C ALA A 67 17.13 8.60 -36.45
N THR A 68 18.19 9.42 -36.47
CA THR A 68 19.04 9.55 -37.68
C THR A 68 20.44 9.93 -37.33
N GLY A 69 21.39 9.56 -38.19
CA GLY A 69 22.74 9.92 -37.95
C GLY A 69 23.69 9.49 -39.04
N ALA A 70 24.98 9.69 -38.78
CA ALA A 70 25.96 9.46 -39.81
C ALA A 70 26.50 8.01 -39.75
N ILE A 71 26.67 7.41 -40.91
CA ILE A 71 27.25 6.09 -41.01
C ILE A 71 28.73 6.33 -40.79
N THR A 72 29.37 5.57 -39.91
CA THR A 72 30.78 5.85 -39.66
C THR A 72 31.73 5.22 -40.69
N GLY A 73 31.65 3.92 -40.88
CA GLY A 73 32.35 3.28 -42.00
C GLY A 73 31.72 1.91 -42.05
N SER A 74 32.46 0.84 -41.78
CA SER A 74 31.85 -0.46 -41.85
C SER A 74 31.22 -0.94 -40.51
N GLN A 75 31.37 -0.14 -39.45
CA GLN A 75 30.69 -0.46 -38.21
C GLN A 75 30.31 0.83 -37.56
N THR A 76 29.02 1.02 -37.38
CA THR A 76 28.56 2.23 -36.74
C THR A 76 27.70 1.97 -35.50
N THR A 77 27.63 2.94 -34.59
CA THR A 77 26.74 2.81 -33.44
C THR A 77 25.61 3.79 -33.54
N ALA A 78 24.40 3.28 -33.68
CA ALA A 78 23.23 4.17 -33.65
C ALA A 78 23.02 4.63 -32.19
N SER A 79 22.91 5.94 -32.00
CA SER A 79 22.96 6.51 -30.67
C SER A 79 21.90 7.62 -30.57
N PHE A 80 20.90 7.45 -29.72
CA PHE A 80 19.84 8.42 -29.65
C PHE A 80 19.03 8.20 -28.38
N GLU A 81 18.06 9.09 -28.14
CA GLU A 81 17.24 9.05 -26.91
C GLU A 81 15.78 8.86 -27.16
N TYR A 82 15.16 8.17 -26.23
CA TYR A 82 13.76 7.84 -26.40
C TYR A 82 13.01 7.86 -25.08
N GLY A 83 11.85 8.54 -25.08
CA GLY A 83 11.08 8.74 -23.85
C GLY A 83 9.99 7.72 -23.56
N GLN A 84 9.43 7.11 -24.59
CA GLN A 84 8.20 6.33 -24.41
C GLN A 84 8.51 4.82 -24.32
N GLY A 85 8.17 4.27 -23.16
CA GLY A 85 8.46 2.90 -22.89
C GLY A 85 7.60 2.01 -23.75
N GLY A 86 8.03 0.78 -23.98
CA GLY A 86 7.20 -0.13 -24.76
C GLY A 86 8.05 -1.15 -25.44
N LEU A 87 7.40 -2.02 -26.21
CA LEU A 87 8.04 -3.04 -27.06
C LEU A 87 7.89 -2.56 -28.45
N TYR A 88 8.96 -2.61 -29.23
CA TYR A 88 8.87 -2.12 -30.60
C TYR A 88 9.54 -3.06 -31.56
N GLN A 89 9.03 -3.10 -32.79
CA GLN A 89 9.74 -3.68 -33.89
C GLN A 89 10.72 -2.67 -34.56
N MET A 90 12.02 -2.89 -34.33
CA MET A 90 13.10 -2.05 -34.81
C MET A 90 13.77 -2.55 -36.07
N GLU A 91 14.03 -1.62 -37.01
CA GLU A 91 14.78 -1.81 -38.24
C GLU A 91 15.76 -0.67 -38.32
N ILE A 92 16.96 -0.97 -38.78
CA ILE A 92 17.95 0.07 -39.01
C ILE A 92 18.27 0.12 -40.49
N GLU A 93 18.19 1.32 -41.07
CA GLU A 93 18.35 1.56 -42.50
C GLU A 93 19.60 2.43 -42.76
N ALA A 94 20.33 2.10 -43.84
CA ALA A 94 21.49 2.89 -44.32
C ALA A 94 21.17 3.47 -45.69
N CYS A 95 21.42 4.76 -45.84
CA CYS A 95 21.10 5.50 -47.07
C CYS A 95 22.30 6.22 -47.63
N ASP A 96 22.37 6.23 -48.96
CA ASP A 96 23.16 7.18 -49.74
C ASP A 96 22.31 7.68 -50.96
N ALA A 97 22.93 8.43 -51.88
CA ALA A 97 22.19 9.04 -53.04
C ALA A 97 21.62 8.00 -53.98
N THR A 98 22.19 6.80 -53.94
CA THR A 98 21.68 5.65 -54.74
C THR A 98 20.46 4.88 -54.17
N GLY A 99 20.20 5.03 -52.89
CA GLY A 99 19.08 4.28 -52.33
C GLY A 99 19.37 3.96 -50.88
N CYS A 100 18.46 3.17 -50.31
CA CYS A 100 18.45 2.79 -48.91
C CYS A 100 18.28 1.26 -48.77
N SER A 101 18.84 0.68 -47.72
CA SER A 101 18.66 -0.76 -47.43
C SER A 101 18.52 -0.92 -45.93
N LYS A 102 17.58 -1.75 -45.51
CA LYS A 102 17.32 -1.90 -44.10
C LYS A 102 17.57 -3.32 -43.58
N SER A 103 17.86 -3.41 -42.29
CA SER A 103 18.07 -4.67 -41.60
C SER A 103 16.76 -5.38 -41.52
N ALA A 104 16.84 -6.67 -41.23
CA ALA A 104 15.69 -7.41 -40.78
C ALA A 104 15.18 -6.73 -39.47
N PRO A 105 13.85 -6.79 -39.18
CA PRO A 105 13.35 -6.20 -37.93
C PRO A 105 13.72 -7.02 -36.71
N VAL A 106 13.81 -6.38 -35.54
CA VAL A 106 14.15 -7.06 -34.28
C VAL A 106 13.42 -6.39 -33.11
N GLU A 107 12.94 -7.18 -32.16
CA GLU A 107 12.20 -6.56 -31.08
C GLU A 107 13.12 -5.79 -30.13
N ILE A 108 12.78 -4.52 -29.87
CA ILE A 108 13.52 -3.73 -28.86
C ILE A 108 12.57 -3.44 -27.69
N THR A 109 13.11 -3.50 -26.49
CA THR A 109 12.33 -3.17 -25.31
C THR A 109 12.87 -1.88 -24.68
N ILE A 110 12.01 -0.89 -24.52
CA ILE A 110 12.37 0.25 -23.68
C ILE A 110 11.56 0.20 -22.39
N ALA A 111 12.25 -0.02 -21.26
CA ALA A 111 11.59 -0.26 -19.97
C ALA A 111 11.33 1.05 -19.29
N ASP A 112 10.08 1.21 -18.85
CA ASP A 112 9.73 2.36 -18.03
C ASP A 112 8.91 1.89 -16.82
N THR A 113 8.76 2.77 -15.83
CA THR A 113 8.17 2.38 -14.55
C THR A 113 6.65 2.56 -14.52
N ASP A 114 6.05 2.89 -15.66
CA ASP A 114 4.59 2.65 -15.80
C ASP A 114 4.23 1.19 -16.25
N GLY A 115 5.24 0.36 -16.51
CA GLY A 115 4.97 -0.99 -17.09
C GLY A 115 4.56 -0.91 -18.57
N SER A 116 4.77 0.23 -19.25
CA SER A 116 4.40 0.34 -20.69
C SER A 116 5.02 -0.75 -21.63
N HIS A 117 6.17 -1.32 -21.23
CA HIS A 117 6.81 -2.46 -21.91
C HIS A 117 6.33 -3.85 -21.45
N LEU A 118 5.35 -3.90 -20.57
CA LEU A 118 5.01 -5.14 -19.90
C LEU A 118 3.67 -5.68 -20.35
N LYS A 119 3.57 -7.00 -20.56
CA LYS A 119 2.23 -7.56 -20.72
C LYS A 119 1.47 -7.52 -19.35
N PRO A 120 0.12 -7.53 -19.40
CA PRO A 120 -0.75 -7.74 -18.24
C PRO A 120 -0.30 -8.92 -17.41
N LEU A 121 -0.24 -8.71 -16.10
CA LEU A 121 0.27 -9.72 -15.14
C LEU A 121 -0.67 -10.93 -15.17
N THR A 122 -0.08 -12.12 -15.22
CA THR A 122 -0.83 -13.37 -15.09
C THR A 122 -1.12 -13.58 -13.60
N MET A 123 -2.39 -13.71 -13.27
CA MET A 123 -2.84 -13.77 -11.88
C MET A 123 -2.91 -15.21 -11.38
N ASN A 124 -2.81 -15.38 -10.06
CA ASN A 124 -3.01 -16.65 -9.42
C ASN A 124 -3.75 -16.40 -8.09
N VAL A 125 -5.05 -16.16 -8.21
CA VAL A 125 -5.85 -15.67 -7.06
C VAL A 125 -6.66 -16.81 -6.49
N ASP A 126 -6.69 -16.95 -5.18
CA ASP A 126 -7.54 -17.90 -4.50
C ASP A 126 -8.98 -17.80 -5.04
N PRO A 127 -9.51 -18.91 -5.62
CA PRO A 127 -10.84 -18.91 -6.25
C PRO A 127 -11.96 -18.66 -5.27
N ASN A 128 -11.66 -18.71 -3.98
CA ASN A 128 -12.66 -18.28 -3.02
C ASN A 128 -13.02 -16.77 -3.15
N ASN A 129 -12.13 -15.92 -3.68
CA ASN A 129 -12.57 -14.56 -4.02
C ASN A 129 -13.60 -14.58 -5.17
N LYS A 130 -14.82 -14.09 -4.94
CA LYS A 130 -15.92 -14.13 -5.91
C LYS A 130 -15.94 -12.90 -6.82
N SER A 131 -16.69 -12.92 -7.94
CA SER A 131 -16.94 -11.68 -8.75
C SER A 131 -18.16 -10.95 -8.30
N TYR A 132 -18.09 -9.61 -8.36
CA TYR A 132 -19.19 -8.72 -7.98
C TYR A 132 -19.28 -7.60 -9.01
N ASN A 133 -20.44 -6.92 -9.04
CA ASN A 133 -20.64 -5.73 -9.87
C ASN A 133 -20.83 -4.51 -9.03
N THR A 134 -19.91 -4.30 -8.11
CA THR A 134 -20.00 -3.16 -7.24
C THR A 134 -19.84 -1.90 -8.09
N ASP A 135 -20.64 -0.89 -7.83
CA ASP A 135 -20.44 0.33 -8.63
C ASP A 135 -19.02 0.85 -8.54
N PRO A 136 -18.39 1.24 -9.67
CA PRO A 136 -17.00 1.78 -9.65
C PRO A 136 -16.76 3.07 -8.83
N SER A 137 -17.82 3.81 -8.45
CA SER A 137 -17.68 4.93 -7.51
C SER A 137 -17.20 4.52 -6.08
N ILE A 138 -17.44 3.29 -5.67
CA ILE A 138 -17.28 2.96 -4.28
C ILE A 138 -15.83 2.56 -4.06
N VAL A 139 -15.18 3.03 -2.99
CA VAL A 139 -13.83 2.56 -2.71
C VAL A 139 -13.87 1.15 -2.14
N MET A 140 -12.99 0.30 -2.67
CA MET A 140 -12.75 -1.05 -2.18
C MET A 140 -11.21 -1.19 -2.06
N GLY A 141 -10.73 -0.88 -0.85
CA GLY A 141 -9.33 -0.66 -0.58
C GLY A 141 -8.67 -1.81 0.19
N THR A 142 -7.39 -2.02 -0.06
CA THR A 142 -6.59 -2.86 0.84
C THR A 142 -5.13 -2.45 0.89
N TYR A 143 -4.43 -2.86 1.94
CA TYR A 143 -2.96 -2.80 1.96
C TYR A 143 -2.31 -4.11 1.52
N PHE A 144 -1.30 -3.97 0.67
CA PHE A 144 -0.40 -5.07 0.32
C PHE A 144 0.93 -4.72 0.99
N VAL A 145 1.52 -5.62 1.77
CA VAL A 145 2.75 -5.28 2.51
C VAL A 145 3.98 -5.83 1.76
N GLU A 146 5.00 -4.99 1.65
CA GLU A 146 6.25 -5.33 0.97
C GLU A 146 6.87 -6.64 1.43
N TRP A 147 6.79 -6.90 2.75
CA TRP A 147 7.45 -8.07 3.39
C TRP A 147 6.53 -9.31 3.38
N GLY A 148 5.35 -9.18 2.79
CA GLY A 148 4.44 -10.30 2.66
C GLY A 148 5.03 -11.40 1.76
N ILE A 149 6.06 -11.07 0.96
CA ILE A 149 6.57 -12.05 0.05
C ILE A 149 7.48 -13.14 0.67
N TYR A 150 7.90 -13.00 1.94
CA TYR A 150 8.75 -13.99 2.61
C TYR A 150 7.90 -15.10 3.23
N GLY A 151 7.93 -15.23 4.54
CA GLY A 151 7.18 -16.30 5.22
C GLY A 151 5.68 -16.28 4.90
N ARG A 152 5.07 -15.11 4.81
CA ARG A 152 3.64 -15.05 4.44
C ARG A 152 3.38 -15.52 3.00
N ASP A 153 4.40 -15.52 2.14
CA ASP A 153 4.33 -16.10 0.78
C ASP A 153 3.15 -15.59 -0.04
N TYR A 154 2.96 -14.29 -0.07
CA TYR A 154 1.77 -13.76 -0.69
C TYR A 154 2.25 -12.64 -1.57
N THR A 155 1.99 -12.78 -2.87
CA THR A 155 2.70 -11.98 -3.86
C THR A 155 1.71 -11.24 -4.71
N VAL A 156 2.23 -10.32 -5.53
CA VAL A 156 1.33 -9.34 -6.19
C VAL A 156 0.26 -10.06 -6.99
N ASP A 157 0.66 -11.15 -7.64
CA ASP A 157 -0.28 -11.94 -8.45
C ASP A 157 -1.33 -12.70 -7.67
N ASN A 158 -1.23 -12.82 -6.35
CA ASN A 158 -2.32 -13.45 -5.55
C ASN A 158 -3.46 -12.47 -5.22
N MET A 159 -3.22 -11.18 -5.46
CA MET A 159 -4.22 -10.17 -5.09
C MET A 159 -5.49 -10.22 -5.98
N PRO A 160 -6.67 -10.20 -5.36
CA PRO A 160 -7.91 -10.17 -6.10
C PRO A 160 -8.22 -8.80 -6.69
N VAL A 161 -7.39 -8.38 -7.68
CA VAL A 161 -7.39 -6.98 -8.25
C VAL A 161 -8.74 -6.55 -8.75
N ASP A 162 -9.49 -7.46 -9.40
CA ASP A 162 -10.81 -7.06 -9.91
C ASP A 162 -11.74 -6.64 -8.78
N ASN A 163 -11.48 -7.13 -7.55
CA ASN A 163 -12.25 -6.73 -6.35
C ASN A 163 -11.67 -5.54 -5.57
N LEU A 164 -10.72 -4.84 -6.18
CA LEU A 164 -10.04 -3.73 -5.50
C LEU A 164 -10.06 -2.45 -6.34
N THR A 165 -10.27 -1.28 -5.74
CA THR A 165 -10.12 -0.04 -6.46
C THR A 165 -8.81 0.66 -6.08
N HIS A 166 -8.33 0.36 -4.88
CA HIS A 166 -7.12 0.99 -4.31
C HIS A 166 -6.24 -0.03 -3.65
N ILE A 167 -4.97 -0.06 -4.02
CA ILE A 167 -4.01 -0.91 -3.30
C ILE A 167 -3.06 0.09 -2.59
N LEU A 168 -3.00 0.04 -1.26
CA LEU A 168 -2.07 0.83 -0.53
C LEU A 168 -0.84 -0.02 -0.25
N TYR A 169 0.33 0.44 -0.68
CA TYR A 169 1.55 -0.37 -0.54
C TYR A 169 2.27 0.04 0.77
N GLY A 170 2.31 -0.88 1.73
CA GLY A 170 3.00 -0.64 2.99
C GLY A 170 4.38 -1.30 3.02
N PHE A 171 5.43 -0.57 3.44
CA PHE A 171 5.39 0.86 3.74
C PHE A 171 6.67 1.47 3.24
N ILE A 172 6.58 2.72 2.86
CA ILE A 172 7.72 3.51 2.48
C ILE A 172 8.20 4.26 3.72
N PRO A 173 9.47 4.08 4.09
CA PRO A 173 10.02 4.77 5.22
C PRO A 173 10.53 6.19 4.88
N ILE A 174 10.76 7.02 5.92
CA ILE A 174 11.33 8.36 5.81
C ILE A 174 12.71 8.32 6.46
N CYS A 175 13.79 8.77 5.83
CA CYS A 175 15.07 8.78 6.53
C CYS A 175 15.08 9.75 7.74
N GLY A 176 15.86 9.42 8.78
CA GLY A 176 15.87 10.22 10.00
C GLY A 176 15.63 9.38 11.28
N PRO A 177 15.04 9.98 12.32
CA PRO A 177 14.83 9.29 13.62
C PRO A 177 13.90 8.12 13.38
N ASN A 178 14.27 6.92 13.80
CA ASN A 178 13.48 5.73 13.46
C ASN A 178 13.71 4.60 14.47
N GLU A 179 13.89 4.97 15.73
CA GLU A 179 14.05 3.99 16.81
C GLU A 179 12.86 3.08 16.93
N SER A 180 11.65 3.57 16.64
CA SER A 180 10.48 2.65 16.67
C SER A 180 10.63 1.41 15.79
N VAL A 181 11.49 1.47 14.76
CA VAL A 181 11.68 0.38 13.82
C VAL A 181 12.33 -0.80 14.57
N LYS A 182 13.03 -0.50 15.67
CA LYS A 182 13.69 -1.53 16.48
C LYS A 182 12.74 -2.56 17.10
N SER A 183 11.52 -2.13 17.44
CA SER A 183 10.39 -2.95 17.91
C SER A 183 10.15 -4.20 17.10
N VAL A 184 10.62 -4.23 15.87
CA VAL A 184 10.26 -5.30 14.97
C VAL A 184 11.39 -6.36 15.03
N GLY A 185 12.55 -5.98 15.58
CA GLY A 185 13.71 -6.91 15.66
C GLY A 185 14.23 -7.22 14.27
N GLY A 186 14.97 -8.29 14.11
CA GLY A 186 15.49 -8.64 12.79
C GLY A 186 16.27 -7.48 12.19
N ASN A 187 16.37 -7.46 10.87
CA ASN A 187 17.29 -6.54 10.14
C ASN A 187 16.62 -5.26 9.62
N SER A 188 15.42 -5.04 10.07
CA SER A 188 14.61 -3.95 9.57
C SER A 188 15.17 -2.52 9.85
N PHE A 189 15.65 -2.25 11.07
CA PHE A 189 16.31 -0.97 11.37
C PHE A 189 17.58 -0.83 10.57
N ASN A 190 18.34 -1.91 10.48
CA ASN A 190 19.65 -1.89 9.75
C ASN A 190 19.48 -1.72 8.22
N ALA A 191 18.52 -2.43 7.66
CA ALA A 191 18.12 -2.22 6.26
C ALA A 191 17.78 -0.73 5.98
N LEU A 192 17.05 -0.10 6.90
CA LEU A 192 16.73 1.30 6.73
C LEU A 192 18.00 2.15 6.86
N GLN A 193 18.95 1.78 7.74
CA GLN A 193 20.20 2.58 7.83
C GLN A 193 20.94 2.51 6.52
N THR A 194 21.06 1.32 5.95
CA THR A 194 21.67 1.15 4.63
C THR A 194 20.98 1.95 3.51
N ALA A 195 19.66 1.76 3.37
CA ALA A 195 18.88 2.51 2.38
C ALA A 195 19.07 4.06 2.51
N CYS A 196 19.28 4.55 3.74
CA CYS A 196 19.45 5.95 4.02
C CYS A 196 20.91 6.47 3.91
N ARG A 197 21.86 5.58 3.64
CA ARG A 197 23.23 6.06 3.55
C ARG A 197 23.28 6.97 2.33
N GLY A 198 23.82 8.18 2.50
CA GLY A 198 23.92 9.12 1.36
C GLY A 198 22.59 9.79 1.01
N VAL A 199 21.54 9.60 1.82
CA VAL A 199 20.23 10.27 1.61
C VAL A 199 19.99 11.30 2.73
N ASN A 200 19.52 12.50 2.36
CA ASN A 200 19.11 13.51 3.32
C ASN A 200 17.98 13.00 4.23
N ASP A 201 18.07 13.30 5.53
CA ASP A 201 16.99 13.08 6.45
C ASP A 201 15.67 13.72 5.92
N TYR A 202 14.56 13.07 6.19
CA TYR A 202 13.20 13.48 5.75
C TYR A 202 12.90 13.20 4.27
N GLU A 203 13.75 12.46 3.59
CA GLU A 203 13.46 12.00 2.22
C GLU A 203 13.01 10.55 2.28
N VAL A 204 12.19 10.15 1.30
CA VAL A 204 11.59 8.82 1.30
C VAL A 204 12.58 7.91 0.62
N VAL A 205 12.59 6.64 1.00
CA VAL A 205 13.44 5.63 0.35
C VAL A 205 12.65 4.32 0.30
N ILE A 206 13.14 3.36 -0.49
CA ILE A 206 12.60 2.03 -0.52
C ILE A 206 13.27 1.28 0.61
N HIS A 207 12.47 0.69 1.51
CA HIS A 207 13.00 -0.03 2.67
C HIS A 207 13.78 -1.35 2.30
N ASP A 208 13.20 -2.13 1.37
CA ASP A 208 13.72 -3.45 0.98
C ASP A 208 13.75 -3.53 -0.53
N PRO A 209 14.88 -3.20 -1.14
CA PRO A 209 15.05 -3.19 -2.59
C PRO A 209 14.94 -4.58 -3.20
N TRP A 210 15.26 -5.63 -2.40
CA TRP A 210 15.12 -7.03 -2.84
C TRP A 210 13.66 -7.27 -3.17
N ALA A 211 12.80 -7.00 -2.18
CA ALA A 211 11.38 -7.22 -2.36
C ALA A 211 10.79 -6.29 -3.40
N ALA A 212 11.26 -5.04 -3.41
CA ALA A 212 10.64 -4.03 -4.27
C ALA A 212 10.96 -4.23 -5.71
N TYR A 213 12.24 -4.53 -6.03
CA TYR A 213 12.65 -4.53 -7.43
C TYR A 213 13.77 -5.46 -7.86
N GLN A 214 14.41 -6.20 -6.94
CA GLN A 214 15.52 -7.10 -7.34
C GLN A 214 15.12 -8.58 -7.55
N LYS A 215 14.28 -9.09 -6.65
CA LYS A 215 13.84 -10.48 -6.68
C LYS A 215 13.10 -10.83 -7.98
N SER A 216 13.61 -11.89 -8.60
CA SER A 216 13.02 -12.42 -9.79
C SER A 216 11.78 -13.25 -9.47
N PHE A 217 10.61 -12.84 -9.95
CA PHE A 217 9.40 -13.65 -9.74
C PHE A 217 9.10 -14.52 -10.96
N PRO A 218 9.30 -15.87 -10.87
CA PRO A 218 9.08 -16.62 -12.12
C PRO A 218 7.64 -16.55 -12.58
N GLN A 219 6.66 -16.42 -11.69
CA GLN A 219 5.27 -16.32 -12.17
C GLN A 219 5.02 -15.04 -12.99
N ALA A 220 5.92 -14.09 -12.92
CA ALA A 220 5.77 -12.85 -13.70
C ALA A 220 6.68 -12.84 -14.92
N GLY A 221 7.41 -13.92 -15.16
CA GLY A 221 8.27 -14.04 -16.37
C GLY A 221 9.63 -13.39 -16.15
N HIS A 222 9.95 -13.05 -14.89
CA HIS A 222 11.21 -12.39 -14.58
C HIS A 222 12.42 -13.34 -14.82
N GLU A 223 13.47 -12.76 -15.35
CA GLU A 223 14.72 -13.40 -15.50
C GLU A 223 15.65 -12.55 -14.68
N TYR A 224 16.77 -13.12 -14.33
CA TYR A 224 17.71 -12.49 -13.45
C TYR A 224 18.27 -11.20 -14.05
N SER A 225 18.29 -11.13 -15.39
CA SER A 225 18.78 -9.95 -16.06
C SER A 225 17.67 -9.00 -16.46
N THR A 226 16.41 -9.34 -16.18
CA THR A 226 15.29 -8.40 -16.42
C THR A 226 15.59 -7.06 -15.69
N PRO A 227 15.35 -5.91 -16.37
CA PRO A 227 15.91 -4.69 -15.77
C PRO A 227 15.10 -4.20 -14.54
N ILE A 228 13.78 -4.45 -14.51
CA ILE A 228 12.96 -4.15 -13.32
C ILE A 228 12.32 -5.42 -12.82
N LYS A 229 12.52 -5.79 -11.54
CA LYS A 229 11.90 -7.03 -11.01
C LYS A 229 11.03 -6.80 -9.75
N GLY A 230 11.01 -7.73 -8.81
CA GLY A 230 10.31 -7.56 -7.52
C GLY A 230 8.81 -7.21 -7.59
N ASN A 231 8.26 -6.82 -6.43
CA ASN A 231 6.88 -6.38 -6.33
C ASN A 231 6.58 -5.23 -7.30
N TYR A 232 7.53 -4.31 -7.44
CA TYR A 232 7.29 -3.14 -8.29
C TYR A 232 7.05 -3.54 -9.78
N ALA A 233 7.91 -4.37 -10.34
CA ALA A 233 7.68 -4.85 -11.75
C ALA A 233 6.31 -5.51 -11.80
N MET A 234 5.97 -6.25 -10.75
CA MET A 234 4.65 -6.93 -10.79
C MET A 234 3.47 -5.93 -10.71
N LEU A 235 3.63 -4.87 -9.89
CA LEU A 235 2.53 -3.87 -9.75
C LEU A 235 2.45 -3.12 -11.06
N MET A 236 3.58 -2.90 -11.69
CA MET A 236 3.55 -2.30 -13.05
C MET A 236 2.76 -3.15 -14.03
N ALA A 237 2.99 -4.47 -14.03
CA ALA A 237 2.25 -5.34 -14.94
C ALA A 237 0.76 -5.42 -14.54
N LEU A 238 0.46 -5.40 -13.24
CA LEU A 238 -0.92 -5.42 -12.71
C LEU A 238 -1.73 -4.22 -13.27
N LYS A 239 -1.12 -3.02 -13.34
CA LYS A 239 -1.79 -1.85 -13.91
C LYS A 239 -1.94 -1.91 -15.41
N GLN A 240 -1.08 -2.68 -16.07
CA GLN A 240 -1.34 -3.00 -17.47
C GLN A 240 -2.60 -3.83 -17.58
N ARG A 241 -2.84 -4.71 -16.61
CA ARG A 241 -4.09 -5.54 -16.62
C ARG A 241 -5.35 -4.75 -16.22
N ASN A 242 -5.26 -3.94 -15.18
CA ASN A 242 -6.44 -3.19 -14.68
C ASN A 242 -6.06 -1.73 -14.66
N PRO A 243 -6.17 -1.04 -15.84
CA PRO A 243 -5.65 0.32 -15.91
C PRO A 243 -6.35 1.30 -14.97
N ASP A 244 -7.55 0.98 -14.51
CA ASP A 244 -8.24 1.86 -13.58
C ASP A 244 -7.89 1.63 -12.11
N LEU A 245 -7.08 0.63 -11.82
CA LEU A 245 -6.59 0.42 -10.46
C LEU A 245 -5.75 1.62 -9.99
N LYS A 246 -5.97 2.07 -8.75
CA LYS A 246 -5.14 3.11 -8.16
C LYS A 246 -4.16 2.38 -7.21
N ILE A 247 -2.85 2.60 -7.41
CA ILE A 247 -1.84 2.01 -6.56
C ILE A 247 -1.11 3.15 -5.90
N ILE A 248 -1.02 3.14 -4.59
CA ILE A 248 -0.57 4.33 -3.86
C ILE A 248 0.41 3.88 -2.78
N PRO A 249 1.61 4.50 -2.72
CA PRO A 249 2.56 4.12 -1.69
C PRO A 249 2.12 4.65 -0.32
N SER A 250 2.28 3.84 0.71
CA SER A 250 1.83 4.33 2.01
C SER A 250 3.05 4.71 2.85
N ILE A 251 3.13 5.97 3.24
CA ILE A 251 4.33 6.41 3.93
C ILE A 251 4.13 6.41 5.45
N GLY A 252 5.06 5.80 6.19
CA GLY A 252 4.93 5.69 7.66
C GLY A 252 4.32 4.37 8.15
N GLY A 253 3.18 4.48 8.83
CA GLY A 253 2.60 3.32 9.56
C GLY A 253 3.06 3.31 11.02
N TRP A 254 2.75 2.23 11.73
CA TRP A 254 3.09 2.15 13.15
C TRP A 254 4.58 2.29 13.51
N THR A 255 5.48 1.65 12.77
CA THR A 255 6.88 1.59 13.22
C THR A 255 7.72 2.61 12.45
N LEU A 256 7.15 3.15 11.36
CA LEU A 256 7.84 4.11 10.46
C LEU A 256 7.36 5.59 10.55
N SER A 257 6.68 5.95 11.64
CA SER A 257 6.19 7.31 11.85
C SER A 257 7.14 8.29 12.60
N ASP A 258 8.23 7.81 13.22
CA ASP A 258 9.05 8.73 14.03
C ASP A 258 9.41 10.03 13.30
N PRO A 259 9.91 9.96 12.05
CA PRO A 259 10.26 11.27 11.41
C PRO A 259 9.15 12.29 11.28
N PHE A 260 7.87 11.85 11.17
CA PHE A 260 6.74 12.77 11.14
C PHE A 260 6.73 13.84 12.26
N TYR A 261 7.12 13.47 13.48
CA TYR A 261 7.05 14.42 14.57
C TYR A 261 8.04 15.60 14.36
N ASP A 262 8.94 15.54 13.37
CA ASP A 262 9.79 16.71 13.16
C ASP A 262 9.27 17.58 12.04
N PHE A 263 8.07 17.27 11.52
CA PHE A 263 7.42 18.11 10.48
C PHE A 263 6.84 19.42 10.98
N VAL A 264 6.94 19.65 12.28
CA VAL A 264 6.63 20.98 12.83
C VAL A 264 7.55 22.03 12.25
N ASP A 265 8.78 21.65 11.91
CA ASP A 265 9.66 22.57 11.17
CA ASP A 265 9.70 22.56 11.16
C ASP A 265 9.43 22.42 9.65
N LYS A 266 8.89 23.47 9.04
CA LYS A 266 8.56 23.48 7.62
C LYS A 266 9.73 23.01 6.71
N LYS A 267 10.95 23.32 7.15
CA LYS A 267 12.17 22.96 6.40
C LYS A 267 12.16 21.46 6.14
N ASN A 268 11.71 20.68 7.12
CA ASN A 268 11.65 19.22 6.98
C ASN A 268 10.50 18.81 6.03
N ARG A 269 9.33 19.41 6.16
CA ARG A 269 8.26 19.14 5.19
C ARG A 269 8.78 19.42 3.78
N ASP A 270 9.53 20.50 3.59
CA ASP A 270 9.94 20.90 2.23
C ASP A 270 10.79 19.79 1.65
N THR A 271 11.72 19.27 2.48
CA THR A 271 12.65 18.22 2.05
C THR A 271 11.81 16.97 1.70
N PHE A 272 10.95 16.56 2.61
CA PHE A 272 9.98 15.44 2.36
C PHE A 272 9.12 15.62 1.09
N VAL A 273 8.43 16.73 0.94
CA VAL A 273 7.52 16.92 -0.24
C VAL A 273 8.29 16.83 -1.55
N ALA A 274 9.49 17.38 -1.59
CA ALA A 274 10.33 17.32 -2.79
C ALA A 274 10.76 15.90 -3.11
N SER A 275 11.12 15.11 -2.09
CA SER A 275 11.53 13.71 -2.32
C SER A 275 10.36 12.87 -2.77
N VAL A 276 9.16 13.17 -2.26
CA VAL A 276 7.96 12.49 -2.74
C VAL A 276 7.64 12.79 -4.24
N LYS A 277 7.70 14.07 -4.65
CA LYS A 277 7.57 14.38 -6.07
C LYS A 277 8.54 13.57 -6.94
N LYS A 278 9.80 13.49 -6.52
CA LYS A 278 10.79 12.71 -7.22
C LYS A 278 10.50 11.22 -7.19
N PHE A 279 9.95 10.71 -6.10
CA PHE A 279 9.70 9.28 -5.97
C PHE A 279 8.64 8.89 -7.01
N LEU A 280 7.62 9.78 -7.15
CA LEU A 280 6.51 9.59 -8.07
C LEU A 280 6.85 9.78 -9.53
N LYS A 281 7.84 10.63 -9.80
CA LYS A 281 8.39 10.76 -11.16
C LYS A 281 9.23 9.54 -11.54
N THR A 282 9.81 8.87 -10.52
CA THR A 282 10.72 7.76 -10.72
C THR A 282 9.90 6.48 -10.88
N TRP A 283 8.83 6.38 -10.07
CA TRP A 283 8.03 5.18 -9.99
C TRP A 283 6.62 5.46 -10.49
N LYS A 284 6.49 5.46 -11.80
CA LYS A 284 5.26 5.97 -12.45
C LYS A 284 3.96 5.18 -12.29
N PHE A 285 4.02 3.94 -11.91
CA PHE A 285 2.77 3.18 -11.67
C PHE A 285 2.00 3.72 -10.45
N TYR A 286 2.69 4.47 -9.59
CA TYR A 286 2.01 5.06 -8.42
C TYR A 286 1.11 6.27 -8.78
N ASP A 287 -0.08 6.37 -8.15
CA ASP A 287 -1.16 7.29 -8.48
C ASP A 287 -1.41 8.34 -7.41
N GLY A 288 -0.41 8.58 -6.57
CA GLY A 288 -0.54 9.63 -5.53
C GLY A 288 0.23 9.23 -4.29
N VAL A 289 -0.22 9.63 -3.13
CA VAL A 289 0.56 9.35 -1.93
C VAL A 289 -0.39 9.20 -0.74
N ASP A 290 -0.12 8.25 0.15
CA ASP A 290 -0.89 8.06 1.38
C ASP A 290 0.00 8.29 2.59
N ILE A 291 -0.43 9.20 3.49
CA ILE A 291 0.31 9.54 4.72
CA ILE A 291 0.31 9.55 4.71
C ILE A 291 -0.29 8.83 5.93
N ASP A 292 0.44 7.88 6.49
CA ASP A 292 -0.04 7.14 7.68
C ASP A 292 0.79 7.53 8.86
N TRP A 293 0.50 8.71 9.39
CA TRP A 293 1.27 9.26 10.53
C TRP A 293 0.53 8.80 11.76
N GLU A 294 1.18 7.89 12.47
CA GLU A 294 0.62 7.34 13.69
C GLU A 294 1.43 7.81 14.90
N PHE A 295 1.02 8.90 15.58
CA PHE A 295 -0.18 9.73 15.31
C PHE A 295 0.17 11.17 15.62
N PRO A 296 -0.46 12.13 14.94
CA PRO A 296 -0.31 13.51 15.44
C PRO A 296 -0.72 13.56 16.94
N GLY A 297 0.12 14.19 17.74
CA GLY A 297 -0.18 14.25 19.16
C GLY A 297 0.33 13.09 19.98
N GLY A 298 0.81 12.02 19.35
CA GLY A 298 1.41 10.90 20.06
C GLY A 298 0.44 9.76 20.23
N GLY A 299 0.79 8.85 21.14
CA GLY A 299 0.03 7.64 21.39
C GLY A 299 0.44 6.55 20.40
N GLY A 300 1.51 6.73 19.64
CA GLY A 300 1.95 5.67 18.68
C GLY A 300 3.04 4.78 19.25
N ALA A 301 3.87 4.18 18.40
CA ALA A 301 4.99 3.38 18.86
C ALA A 301 6.00 4.20 19.68
N ALA A 302 6.27 5.46 19.34
CA ALA A 302 7.25 6.27 20.12
C ALA A 302 6.63 6.98 21.34
N ALA A 303 6.82 6.38 22.51
CA ALA A 303 6.41 6.96 23.75
C ALA A 303 7.01 8.33 24.03
N ASP A 304 8.21 8.65 23.56
CA ASP A 304 8.80 9.96 23.84
C ASP A 304 8.45 11.01 22.74
N LYS A 305 7.41 10.73 21.92
CA LYS A 305 7.03 11.65 20.85
C LYS A 305 5.52 12.01 20.82
N GLY A 306 5.21 13.15 20.25
CA GLY A 306 3.84 13.54 20.12
C GLY A 306 3.61 14.89 20.75
N ASP A 307 3.03 15.82 20.01
CA ASP A 307 2.78 17.21 20.48
C ASP A 307 1.36 17.62 20.10
N PRO A 308 0.43 17.60 21.08
CA PRO A 308 -0.96 17.82 20.67
C PRO A 308 -1.21 19.29 20.29
N VAL A 309 -0.26 20.18 20.51
CA VAL A 309 -0.42 21.57 20.06
C VAL A 309 -0.05 21.77 18.56
N ASN A 310 1.13 21.30 18.19
CA ASN A 310 1.77 21.56 16.95
C ASN A 310 1.63 20.51 15.86
N ASP A 311 1.26 19.27 16.21
CA ASP A 311 1.32 18.20 15.20
C ASP A 311 0.19 18.37 14.21
N GLY A 312 -0.98 18.78 14.71
CA GLY A 312 -2.17 18.92 13.88
C GLY A 312 -1.91 19.96 12.82
N PRO A 313 -1.50 21.19 13.21
CA PRO A 313 -1.18 22.19 12.20
C PRO A 313 -0.03 21.74 11.28
N ALA A 314 0.93 21.01 11.81
CA ALA A 314 1.94 20.40 10.90
C ALA A 314 1.36 19.42 9.88
N TYR A 315 0.40 18.62 10.30
CA TYR A 315 -0.24 17.63 9.41
C TYR A 315 -1.03 18.35 8.34
N ILE A 316 -1.76 19.41 8.76
CA ILE A 316 -2.55 20.18 7.82
C ILE A 316 -1.62 20.82 6.81
N ALA A 317 -0.57 21.45 7.31
CA ALA A 317 0.36 22.12 6.37
C ALA A 317 1.00 21.12 5.38
N LEU A 318 1.38 19.97 5.92
CA LEU A 318 1.89 18.88 5.15
C LEU A 318 0.91 18.54 3.99
N MET A 319 -0.39 18.47 4.30
CA MET A 319 -1.38 18.10 3.30
C MET A 319 -1.47 19.21 2.27
N ARG A 320 -1.61 20.47 2.73
CA ARG A 320 -1.59 21.65 1.85
CA ARG A 320 -1.62 21.62 1.81
C ARG A 320 -0.42 21.62 0.86
N GLU A 321 0.80 21.38 1.37
CA GLU A 321 2.01 21.46 0.56
C GLU A 321 2.17 20.23 -0.34
N LEU A 322 1.80 19.05 0.15
CA LEU A 322 1.70 17.89 -0.74
C LEU A 322 0.71 18.10 -1.87
N ARG A 323 -0.42 18.79 -1.60
CA ARG A 323 -1.38 18.98 -2.67
C ARG A 323 -0.83 19.98 -3.74
N VAL A 324 -0.07 20.99 -3.32
CA VAL A 324 0.53 21.93 -4.29
C VAL A 324 1.49 21.17 -5.19
N MET A 325 2.19 20.22 -4.61
CA MET A 325 3.17 19.44 -5.34
C MET A 325 2.52 18.47 -6.31
N LEU A 326 1.47 17.76 -5.88
CA LEU A 326 0.75 16.88 -6.80
C LEU A 326 0.04 17.66 -7.93
N ASP A 327 -0.45 18.86 -7.64
CA ASP A 327 -0.96 19.74 -8.73
C ASP A 327 0.12 20.06 -9.78
N GLU A 328 1.36 20.34 -9.34
CA GLU A 328 2.52 20.37 -10.26
C GLU A 328 2.67 19.11 -11.14
N LEU A 329 2.74 17.93 -10.51
CA LEU A 329 2.84 16.68 -11.26
C LEU A 329 1.69 16.55 -12.22
N GLU A 330 0.50 16.94 -11.78
CA GLU A 330 -0.68 16.90 -12.69
C GLU A 330 -0.53 17.80 -13.94
N ALA A 331 -0.09 19.05 -13.73
CA ALA A 331 0.24 19.95 -14.80
C ALA A 331 1.32 19.32 -15.72
N GLU A 332 2.40 18.82 -15.12
CA GLU A 332 3.49 18.21 -15.87
C GLU A 332 3.14 16.93 -16.62
N THR A 333 2.15 16.16 -16.20
CA THR A 333 2.01 14.83 -16.75
C THR A 333 0.67 14.63 -17.39
N GLY A 334 -0.27 15.54 -17.13
CA GLY A 334 -1.66 15.32 -17.52
C GLY A 334 -2.43 14.24 -16.75
N ARG A 335 -1.86 13.64 -15.69
CA ARG A 335 -2.60 12.60 -14.90
C ARG A 335 -3.33 13.21 -13.72
N THR A 336 -4.17 12.41 -13.08
CA THR A 336 -4.78 12.74 -11.75
C THR A 336 -4.07 12.00 -10.61
N TYR A 337 -3.71 12.76 -9.57
CA TYR A 337 -3.02 12.24 -8.37
C TYR A 337 -3.89 12.43 -7.14
N GLU A 338 -4.00 11.36 -6.36
CA GLU A 338 -4.77 11.41 -5.12
C GLU A 338 -3.86 11.61 -3.95
N LEU A 339 -4.42 12.27 -2.93
CA LEU A 339 -3.75 12.49 -1.70
C LEU A 339 -4.65 11.86 -0.63
N THR A 340 -4.11 10.90 0.14
CA THR A 340 -4.92 10.22 1.15
C THR A 340 -4.16 10.08 2.46
N SER A 341 -4.87 9.66 3.51
CA SER A 341 -4.21 9.46 4.78
C SER A 341 -4.98 8.47 5.59
N ALA A 342 -4.28 7.54 6.22
CA ALA A 342 -4.93 6.68 7.27
C ALA A 342 -4.76 7.33 8.63
N ILE A 343 -5.84 7.39 9.40
CA ILE A 343 -5.83 8.16 10.66
C ILE A 343 -6.41 7.39 11.83
N GLY A 344 -5.95 7.66 13.05
CA GLY A 344 -6.64 7.11 14.21
C GLY A 344 -8.06 7.64 14.40
N VAL A 345 -8.96 6.82 14.94
CA VAL A 345 -10.34 7.30 15.22
C VAL A 345 -10.75 7.30 16.71
N GLY A 346 -9.85 6.97 17.64
CA GLY A 346 -10.14 7.26 19.04
C GLY A 346 -10.36 8.75 19.19
N TYR A 347 -11.26 9.15 20.08
CA TYR A 347 -11.51 10.60 20.22
C TYR A 347 -10.22 11.36 20.50
N ASP A 348 -9.27 10.77 21.23
CA ASP A 348 -8.01 11.45 21.63
C ASP A 348 -6.99 11.57 20.51
N LYS A 349 -7.22 10.88 19.39
CA LYS A 349 -6.44 11.06 18.15
C LYS A 349 -7.09 12.08 17.24
N ILE A 350 -8.41 11.95 17.05
CA ILE A 350 -9.13 12.91 16.23
C ILE A 350 -8.97 14.36 16.72
N GLU A 351 -9.01 14.55 18.03
CA GLU A 351 -9.04 15.89 18.59
C GLU A 351 -7.75 16.65 18.32
N ASP A 352 -6.66 15.94 17.99
CA ASP A 352 -5.36 16.60 17.72
C ASP A 352 -5.18 17.06 16.28
N VAL A 353 -6.16 16.84 15.40
CA VAL A 353 -6.08 17.36 14.06
C VAL A 353 -7.43 18.02 13.72
N ASP A 354 -7.36 19.27 13.26
CA ASP A 354 -8.50 19.93 12.73
C ASP A 354 -8.77 19.37 11.32
N TYR A 355 -9.50 18.26 11.22
CA TYR A 355 -9.75 17.67 9.93
C TYR A 355 -10.65 18.49 8.98
N ALA A 356 -11.43 19.43 9.52
CA ALA A 356 -12.29 20.32 8.69
C ALA A 356 -11.38 21.14 7.81
N ASP A 357 -10.22 21.48 8.34
CA ASP A 357 -9.18 22.13 7.54
C ASP A 357 -8.44 21.14 6.60
N ALA A 358 -7.81 20.13 7.17
CA ALA A 358 -6.98 19.17 6.42
C ALA A 358 -7.64 18.60 5.19
N VAL A 359 -8.93 18.26 5.34
CA VAL A 359 -9.64 17.39 4.39
C VAL A 359 -9.85 18.06 3.02
N GLN A 360 -9.85 19.39 3.01
CA GLN A 360 -10.02 20.12 1.75
C GLN A 360 -8.88 19.78 0.76
N TYR A 361 -7.68 19.42 1.26
CA TYR A 361 -6.59 19.01 0.34
C TYR A 361 -6.63 17.52 -0.07
N MET A 362 -7.54 16.77 0.51
CA MET A 362 -7.42 15.33 0.48
C MET A 362 -8.49 14.70 -0.38
N ASP A 363 -8.19 13.55 -0.99
CA ASP A 363 -9.22 12.80 -1.65
C ASP A 363 -9.91 11.88 -0.66
N TYR A 364 -9.17 11.20 0.21
CA TYR A 364 -9.81 10.23 1.10
C TYR A 364 -9.12 10.15 2.43
N ILE A 365 -9.92 9.98 3.47
CA ILE A 365 -9.41 9.58 4.77
C ILE A 365 -9.76 8.08 4.98
N PHE A 366 -8.72 7.26 5.22
CA PHE A 366 -8.88 5.83 5.59
C PHE A 366 -8.98 5.75 7.11
N ALA A 367 -10.22 5.64 7.57
CA ALA A 367 -10.49 5.65 8.97
C ALA A 367 -10.09 4.30 9.59
N MET A 368 -9.09 4.32 10.47
CA MET A 368 -8.53 3.09 11.02
C MET A 368 -9.45 2.62 12.16
N THR A 369 -10.59 2.08 11.75
CA THR A 369 -11.64 1.60 12.63
C THR A 369 -11.34 0.14 13.04
N TYR A 370 -10.21 -0.02 13.71
CA TYR A 370 -9.76 -1.33 14.26
C TYR A 370 -8.67 -1.05 15.27
N ASP A 371 -8.16 -2.12 15.91
CA ASP A 371 -7.18 -1.95 16.99
C ASP A 371 -7.78 -1.18 18.17
N PHE A 372 -9.09 -1.32 18.40
CA PHE A 372 -9.69 -0.70 19.59
C PHE A 372 -9.28 -1.30 20.92
N TYR A 373 -8.98 -2.59 20.89
CA TYR A 373 -8.64 -3.40 22.04
C TYR A 373 -7.69 -4.42 21.48
N GLY A 374 -6.85 -4.97 22.35
CA GLY A 374 -5.99 -6.05 21.98
C GLY A 374 -5.00 -6.43 23.06
N GLY A 375 -4.01 -7.21 22.64
CA GLY A 375 -3.10 -7.89 23.56
C GLY A 375 -2.07 -7.05 24.28
N TRP A 376 -1.98 -5.77 23.95
CA TRP A 376 -1.09 -4.91 24.70
C TRP A 376 -1.50 -4.77 26.18
N ASN A 377 -2.74 -5.05 26.53
CA ASN A 377 -3.11 -5.20 27.94
C ASN A 377 -4.05 -6.42 28.13
N ASN A 378 -4.66 -6.55 29.29
CA ASN A 378 -5.43 -7.72 29.64
C ASN A 378 -6.93 -7.49 29.70
N VAL A 379 -7.35 -6.42 29.03
CA VAL A 379 -8.74 -5.97 28.98
C VAL A 379 -9.41 -6.42 27.64
N PRO A 380 -10.32 -7.41 27.69
CA PRO A 380 -10.96 -7.80 26.43
C PRO A 380 -11.89 -6.69 25.95
N GLY A 381 -12.04 -6.56 24.64
CA GLY A 381 -13.13 -5.77 24.07
C GLY A 381 -13.19 -6.03 22.59
N HIS A 382 -14.12 -5.38 21.88
CA HIS A 382 -14.26 -5.58 20.43
C HIS A 382 -13.26 -4.69 19.70
N GLN A 383 -12.26 -5.29 19.07
CA GLN A 383 -11.21 -4.46 18.43
C GLN A 383 -11.67 -3.62 17.20
N THR A 384 -12.79 -3.98 16.55
CA THR A 384 -13.14 -3.36 15.23
C THR A 384 -14.65 -3.15 15.09
N ALA A 385 -15.34 -3.15 16.22
CA ALA A 385 -16.79 -2.95 16.30
C ALA A 385 -17.27 -1.61 15.72
N LEU A 386 -18.48 -1.67 15.12
CA LEU A 386 -19.16 -0.47 14.69
C LEU A 386 -19.67 0.34 15.91
N TYR A 387 -20.27 -0.34 16.88
CA TYR A 387 -20.99 0.27 17.98
C TYR A 387 -20.46 -0.22 19.31
N CYS A 388 -20.99 0.39 20.39
CA CYS A 388 -20.59 0.08 21.76
C CYS A 388 -21.08 -1.29 22.15
N GLY A 389 -20.16 -2.11 22.63
CA GLY A 389 -20.54 -3.45 23.02
C GLY A 389 -21.31 -3.52 24.33
N SER A 390 -21.90 -4.68 24.50
CA SER A 390 -22.66 -5.03 25.69
C SER A 390 -21.75 -5.05 26.94
N PHE A 391 -20.47 -5.39 26.79
CA PHE A 391 -19.49 -5.33 27.88
C PHE A 391 -19.28 -3.94 28.51
N MET A 392 -19.52 -2.88 27.78
CA MET A 392 -19.17 -1.57 28.26
C MET A 392 -20.07 -1.12 29.42
N ARG A 393 -19.48 -0.32 30.31
CA ARG A 393 -20.19 0.19 31.48
C ARG A 393 -21.18 1.28 31.11
N PRO A 394 -22.15 1.53 32.00
CA PRO A 394 -23.11 2.62 31.77
C PRO A 394 -22.36 3.96 31.58
N GLY A 395 -22.67 4.71 30.54
CA GLY A 395 -21.91 5.94 30.25
C GLY A 395 -20.51 5.75 29.68
N GLN A 396 -20.06 4.50 29.55
CA GLN A 396 -18.77 4.28 28.87
C GLN A 396 -18.79 4.69 27.40
N CYS A 397 -19.86 4.35 26.69
CA CYS A 397 -20.01 4.56 25.25
C CYS A 397 -19.83 6.03 24.86
N ASP A 398 -20.61 6.94 25.45
CA ASP A 398 -20.48 8.38 25.19
C ASP A 398 -19.41 9.13 26.07
N GLY A 399 -18.81 8.43 27.03
CA GLY A 399 -17.79 9.07 27.87
C GLY A 399 -18.29 9.84 29.12
N GLY A 400 -19.60 9.90 29.35
CA GLY A 400 -20.07 10.63 30.55
C GLY A 400 -20.01 9.78 31.79
N GLY A 401 -19.78 8.50 31.64
CA GLY A 401 -19.89 7.57 32.78
C GLY A 401 -18.63 7.60 33.61
N VAL A 402 -18.56 6.75 34.65
CA VAL A 402 -17.33 6.56 35.40
C VAL A 402 -16.95 5.11 35.34
N ASP A 403 -15.64 4.84 35.42
CA ASP A 403 -15.15 3.48 35.41
C ASP A 403 -15.43 2.76 36.74
N GLU A 404 -14.98 1.50 36.83
CA GLU A 404 -15.17 0.65 38.03
C GLU A 404 -14.64 1.25 39.34
N ASN A 405 -13.63 2.13 39.24
CA ASN A 405 -13.08 2.86 40.41
C ASN A 405 -13.69 4.22 40.61
N GLY A 406 -14.83 4.48 39.98
CA GLY A 406 -15.47 5.79 40.08
C GLY A 406 -14.82 6.92 39.30
N GLU A 407 -13.74 6.64 38.56
CA GLU A 407 -13.02 7.69 37.83
C GLU A 407 -13.66 7.98 36.48
N PRO A 408 -13.77 9.27 36.06
CA PRO A 408 -14.47 9.58 34.80
C PRO A 408 -13.77 9.03 33.57
N TYR A 409 -14.58 8.64 32.61
CA TYR A 409 -14.07 8.38 31.28
C TYR A 409 -13.71 9.73 30.68
N LYS A 410 -12.59 9.75 29.98
CA LYS A 410 -12.06 10.96 29.41
C LYS A 410 -12.68 11.31 28.06
N GLY A 411 -13.28 10.33 27.41
CA GLY A 411 -13.94 10.59 26.14
C GLY A 411 -14.73 9.38 25.69
N PRO A 412 -15.42 9.49 24.53
CA PRO A 412 -16.21 8.38 24.05
C PRO A 412 -15.33 7.17 23.82
N ALA A 413 -15.95 5.99 23.99
CA ALA A 413 -15.30 4.73 23.86
C ALA A 413 -14.83 4.49 22.41
N TYR A 414 -13.86 3.60 22.30
CA TYR A 414 -13.29 3.25 21.01
C TYR A 414 -14.21 2.32 20.19
N THR A 415 -14.99 2.90 19.29
CA THR A 415 -15.81 2.17 18.34
C THR A 415 -15.71 2.97 17.02
N ALA A 416 -16.06 2.31 15.89
CA ALA A 416 -16.00 2.93 14.57
C ALA A 416 -16.99 4.11 14.49
N ASP A 417 -18.19 3.92 15.02
CA ASP A 417 -19.20 4.96 14.98
C ASP A 417 -18.87 6.20 15.82
N ASN A 418 -18.37 6.06 17.05
CA ASN A 418 -17.94 7.22 17.81
C ASN A 418 -16.91 8.03 16.99
N GLY A 419 -16.01 7.33 16.28
CA GLY A 419 -14.95 8.01 15.52
C GLY A 419 -15.53 8.70 14.27
N ILE A 420 -16.33 7.98 13.47
CA ILE A 420 -16.98 8.55 12.29
C ILE A 420 -17.85 9.80 12.65
N GLN A 421 -18.68 9.71 13.69
CA GLN A 421 -19.52 10.82 14.11
C GLN A 421 -18.65 12.05 14.51
N LEU A 422 -17.59 11.85 15.28
CA LEU A 422 -16.68 12.97 15.60
C LEU A 422 -16.13 13.66 14.34
N LEU A 423 -15.79 12.85 13.35
CA LEU A 423 -15.32 13.37 12.08
C LEU A 423 -16.38 14.15 11.29
N LEU A 424 -17.55 13.55 11.11
CA LEU A 424 -18.68 14.17 10.43
C LEU A 424 -19.14 15.46 11.12
N ALA A 425 -19.12 15.46 12.46
CA ALA A 425 -19.66 16.56 13.25
C ALA A 425 -18.86 17.86 13.04
N GLN A 426 -17.56 17.73 12.75
CA GLN A 426 -16.59 18.80 12.35
C GLN A 426 -16.75 19.31 10.94
N GLY A 427 -17.53 18.63 10.13
CA GLY A 427 -17.64 19.03 8.75
C GLY A 427 -16.82 18.21 7.76
N VAL A 428 -16.19 17.11 8.17
CA VAL A 428 -15.51 16.21 7.19
C VAL A 428 -16.56 15.51 6.32
N PRO A 429 -16.52 15.67 4.98
CA PRO A 429 -17.58 15.12 4.14
C PRO A 429 -17.63 13.59 4.17
N ALA A 430 -18.83 13.02 4.28
CA ALA A 430 -18.98 11.54 4.32
C ALA A 430 -18.34 10.81 3.10
N ASN A 431 -18.42 11.44 1.94
CA ASN A 431 -17.93 10.80 0.73
C ASN A 431 -16.40 10.86 0.63
N LYS A 432 -15.74 11.36 1.68
CA LYS A 432 -14.28 11.28 1.68
C LYS A 432 -13.82 10.29 2.74
N LEU A 433 -14.74 9.72 3.54
CA LEU A 433 -14.36 8.77 4.60
C LEU A 433 -14.50 7.34 4.12
N VAL A 434 -13.44 6.58 4.31
CA VAL A 434 -13.42 5.14 4.01
C VAL A 434 -13.32 4.33 5.33
N LEU A 435 -14.25 3.41 5.53
CA LEU A 435 -14.37 2.67 6.79
C LEU A 435 -13.44 1.41 6.82
N GLY A 436 -12.70 1.21 7.90
CA GLY A 436 -11.71 0.16 7.95
C GLY A 436 -12.34 -1.17 8.34
N THR A 437 -11.88 -2.20 7.66
CA THR A 437 -12.22 -3.56 7.91
C THR A 437 -10.90 -4.29 8.35
N ALA A 438 -11.00 -5.14 9.40
CA ALA A 438 -9.90 -5.97 9.78
C ALA A 438 -9.90 -7.34 9.10
N MET A 439 -8.73 -7.74 8.59
CA MET A 439 -8.51 -9.04 8.01
C MET A 439 -7.72 -9.87 8.95
N TYR A 440 -7.87 -9.56 10.22
CA TYR A 440 -7.04 -10.13 11.28
C TYR A 440 -7.79 -10.05 12.60
N GLY A 441 -7.39 -10.90 13.56
CA GLY A 441 -7.90 -10.82 14.92
C GLY A 441 -6.82 -10.38 15.89
N ARG A 442 -7.26 -9.85 17.03
CA ARG A 442 -6.39 -9.62 18.18
C ARG A 442 -6.89 -10.56 19.26
N GLY A 443 -6.02 -11.04 20.13
CA GLY A 443 -6.46 -12.11 21.03
C GLY A 443 -5.69 -12.18 22.31
N TRP A 444 -6.31 -12.84 23.29
CA TRP A 444 -5.78 -13.05 24.62
C TRP A 444 -5.82 -14.51 24.98
N GLU A 445 -5.19 -14.83 26.09
CA GLU A 445 -5.46 -16.11 26.73
C GLU A 445 -5.74 -15.84 28.22
N GLY A 446 -6.32 -16.85 28.91
CA GLY A 446 -6.57 -16.73 30.35
C GLY A 446 -7.96 -16.24 30.63
N VAL A 447 -8.70 -15.91 29.57
CA VAL A 447 -10.08 -15.50 29.73
C VAL A 447 -10.98 -16.72 30.00
N THR A 448 -10.77 -17.37 31.14
CA THR A 448 -11.60 -18.53 31.52
C THR A 448 -12.95 -18.05 32.13
N PRO A 449 -13.99 -18.91 32.07
CA PRO A 449 -15.35 -18.60 32.47
C PRO A 449 -15.50 -17.94 33.87
N ASP A 450 -14.63 -18.28 34.81
CA ASP A 450 -14.70 -17.67 36.15
C ASP A 450 -14.27 -16.18 36.21
N THR A 451 -13.72 -15.62 35.12
CA THR A 451 -13.29 -14.21 35.15
C THR A 451 -14.40 -13.35 34.66
N LEU A 452 -15.50 -13.96 34.17
CA LEU A 452 -16.53 -13.22 33.46
C LEU A 452 -17.51 -12.60 34.45
N THR A 453 -17.82 -11.30 34.27
CA THR A 453 -18.85 -10.69 35.13
C THR A 453 -20.24 -10.98 34.57
N ASP A 454 -20.36 -11.11 33.23
CA ASP A 454 -21.57 -11.65 32.63
C ASP A 454 -21.24 -12.98 31.93
N PRO A 455 -21.74 -14.11 32.47
CA PRO A 455 -21.35 -15.42 31.97
C PRO A 455 -21.64 -15.63 30.46
N ASN A 456 -22.54 -14.82 29.88
CA ASN A 456 -22.91 -14.92 28.46
C ASN A 456 -21.93 -14.15 27.57
N ASP A 457 -21.06 -13.36 28.18
CA ASP A 457 -20.17 -12.49 27.43
C ASP A 457 -18.68 -12.51 27.86
N PRO A 458 -17.81 -13.20 27.08
CA PRO A 458 -16.41 -13.22 27.48
C PRO A 458 -15.69 -11.86 27.39
N MET A 459 -16.27 -10.87 26.69
CA MET A 459 -15.78 -9.47 26.71
C MET A 459 -15.80 -8.83 28.13
N THR A 460 -16.51 -9.49 29.07
CA THR A 460 -16.50 -9.10 30.50
C THR A 460 -15.49 -9.88 31.36
N GLY A 461 -14.65 -10.71 30.72
CA GLY A 461 -13.58 -11.43 31.44
C GLY A 461 -12.32 -10.64 31.56
N THR A 462 -11.26 -11.34 31.97
CA THR A 462 -9.93 -10.76 32.15
C THR A 462 -8.91 -11.71 31.56
N ALA A 463 -7.95 -11.22 30.79
CA ALA A 463 -6.95 -12.11 30.25
C ALA A 463 -5.78 -12.23 31.23
N THR A 464 -4.89 -13.21 30.99
CA THR A 464 -3.60 -13.33 31.69
C THR A 464 -2.49 -12.91 30.73
N GLY A 465 -2.69 -13.04 29.43
CA GLY A 465 -1.76 -12.39 28.46
C GLY A 465 -2.23 -12.46 27.02
N LYS A 466 -1.27 -12.33 26.12
CA LYS A 466 -1.53 -12.35 24.70
C LYS A 466 -1.77 -13.76 24.13
N LEU A 467 -2.58 -13.82 23.07
CA LEU A 467 -2.78 -15.07 22.33
C LEU A 467 -1.40 -15.52 21.82
N LYS A 468 -1.12 -16.81 21.96
CA LYS A 468 0.15 -17.37 21.46
C LYS A 468 -0.09 -18.33 20.34
N GLY A 469 0.83 -18.40 19.39
CA GLY A 469 0.71 -19.47 18.38
C GLY A 469 1.88 -19.40 17.44
N SER A 470 1.75 -20.15 16.35
CA SER A 470 2.81 -20.35 15.42
C SER A 470 2.46 -19.63 14.13
N THR A 471 3.46 -19.38 13.29
CA THR A 471 3.18 -18.73 11.98
C THR A 471 2.25 -19.56 11.08
N ALA A 472 2.32 -20.87 11.20
CA ALA A 472 1.47 -21.73 10.35
C ALA A 472 0.01 -21.48 10.70
N GLN A 473 -0.23 -21.06 11.95
CA GLN A 473 -1.58 -20.70 12.42
C GLN A 473 -1.98 -19.24 12.05
N GLY A 474 -1.11 -18.51 11.36
CA GLY A 474 -1.31 -17.07 11.15
C GLY A 474 -1.00 -16.16 12.32
N VAL A 475 -0.30 -16.68 13.32
CA VAL A 475 0.13 -15.84 14.43
C VAL A 475 1.59 -15.40 14.09
N TRP A 476 1.73 -14.22 13.48
CA TRP A 476 3.04 -13.73 13.06
C TRP A 476 3.68 -12.96 14.23
N GLU A 477 2.87 -12.59 15.21
CA GLU A 477 3.22 -11.74 16.34
C GLU A 477 2.24 -12.16 17.45
N ASP A 478 2.69 -12.30 18.71
CA ASP A 478 1.75 -12.69 19.78
C ASP A 478 0.54 -11.71 19.90
N GLY A 479 -0.64 -12.27 20.09
CA GLY A 479 -1.84 -11.47 20.25
C GLY A 479 -2.47 -10.97 18.95
N VAL A 480 -1.98 -11.39 17.79
CA VAL A 480 -2.54 -11.04 16.46
C VAL A 480 -2.57 -12.31 15.58
N ILE A 481 -3.69 -12.54 14.88
CA ILE A 481 -3.82 -13.71 14.02
C ILE A 481 -4.50 -13.38 12.69
N ASP A 482 -3.96 -13.86 11.58
CA ASP A 482 -4.58 -13.65 10.29
C ASP A 482 -5.99 -14.17 10.34
N TYR A 483 -6.92 -13.41 9.73
CA TYR A 483 -8.26 -13.93 9.56
C TYR A 483 -8.21 -15.38 9.01
N LYS A 484 -7.44 -15.62 7.94
CA LYS A 484 -7.45 -16.98 7.36
C LYS A 484 -7.03 -18.01 8.42
N GLY A 485 -6.27 -17.53 9.41
CA GLY A 485 -5.82 -18.38 10.50
C GLY A 485 -6.95 -18.68 11.48
N ILE A 486 -7.83 -17.69 11.69
CA ILE A 486 -9.00 -17.88 12.60
C ILE A 486 -9.96 -18.93 11.94
N LYS A 487 -10.14 -18.77 10.64
CA LYS A 487 -10.99 -19.65 9.87
C LYS A 487 -10.49 -21.09 9.96
N SER A 488 -9.18 -21.27 9.88
CA SER A 488 -8.58 -22.63 9.86
C SER A 488 -8.48 -23.28 11.20
N PHE A 489 -8.28 -22.46 12.25
CA PHE A 489 -7.96 -22.99 13.57
C PHE A 489 -9.05 -22.78 14.61
N MET A 490 -10.05 -21.95 14.29
CA MET A 490 -11.13 -21.64 15.25
C MET A 490 -12.58 -21.77 14.70
N LEU A 491 -12.81 -21.37 13.45
CA LEU A 491 -14.18 -21.31 12.93
C LEU A 491 -14.58 -22.61 12.25
N GLY A 492 -13.70 -23.08 11.36
CA GLY A 492 -14.06 -24.20 10.49
C GLY A 492 -14.94 -23.71 9.38
N ALA A 493 -15.09 -24.52 8.34
CA ALA A 493 -15.86 -24.11 7.14
C ALA A 493 -17.31 -23.64 7.42
N ASN A 494 -18.00 -24.27 8.38
CA ASN A 494 -19.38 -23.90 8.70
C ASN A 494 -19.49 -22.71 9.64
N ASN A 495 -18.36 -22.15 10.08
CA ASN A 495 -18.38 -21.05 11.05
C ASN A 495 -19.06 -21.36 12.38
N THR A 496 -19.12 -22.64 12.74
CA THR A 496 -19.70 -22.99 14.04
C THR A 496 -18.70 -23.35 15.13
N GLY A 497 -17.41 -23.32 14.82
CA GLY A 497 -16.37 -23.52 15.83
C GLY A 497 -15.69 -24.90 15.78
N ILE A 498 -14.37 -24.93 15.91
CA ILE A 498 -13.59 -26.18 15.92
C ILE A 498 -12.51 -26.02 16.97
N ASN A 499 -11.77 -27.11 17.26
CA ASN A 499 -10.60 -27.08 18.16
C ASN A 499 -10.96 -26.48 19.52
N GLY A 500 -12.21 -26.69 19.94
CA GLY A 500 -12.71 -26.29 21.29
C GLY A 500 -13.13 -24.80 21.40
N PHE A 501 -13.06 -24.04 20.28
CA PHE A 501 -13.52 -22.63 20.23
C PHE A 501 -15.03 -22.60 19.95
N GLU A 502 -15.74 -21.68 20.57
CA GLU A 502 -17.12 -21.38 20.14
C GLU A 502 -17.18 -20.02 19.45
N TYR A 503 -18.11 -19.86 18.54
CA TYR A 503 -18.30 -18.62 17.91
C TYR A 503 -19.37 -17.82 18.66
N GLY A 504 -19.19 -16.51 18.76
CA GLY A 504 -20.22 -15.64 19.40
C GLY A 504 -20.28 -14.33 18.64
N TYR A 505 -21.34 -13.55 18.84
CA TYR A 505 -21.47 -12.23 18.12
C TYR A 505 -22.19 -11.27 18.99
N ASP A 506 -21.74 -10.04 19.07
CA ASP A 506 -22.45 -9.09 19.95
C ASP A 506 -23.26 -8.28 18.96
N ALA A 507 -24.59 -8.48 18.98
CA ALA A 507 -25.53 -7.88 18.00
C ALA A 507 -25.59 -6.37 18.06
N GLN A 508 -25.36 -5.84 19.27
CA GLN A 508 -25.40 -4.41 19.58
C GLN A 508 -24.17 -3.71 18.99
N ALA A 509 -22.97 -4.19 19.37
CA ALA A 509 -21.69 -3.74 18.78
C ALA A 509 -21.53 -3.95 17.29
N GLU A 510 -22.17 -4.98 16.73
CA GLU A 510 -21.78 -5.61 15.43
C GLU A 510 -20.34 -6.18 15.38
N ALA A 511 -20.09 -7.22 16.17
CA ALA A 511 -18.72 -7.69 16.42
C ALA A 511 -18.75 -9.16 16.83
N PRO A 512 -17.97 -9.99 16.13
CA PRO A 512 -17.79 -11.39 16.41
C PRO A 512 -16.62 -11.69 17.32
N TRP A 513 -16.75 -12.86 17.98
CA TRP A 513 -15.63 -13.44 18.69
C TRP A 513 -15.55 -14.95 18.54
N VAL A 514 -14.41 -15.50 18.82
CA VAL A 514 -14.33 -16.93 19.06
C VAL A 514 -13.63 -17.05 20.42
N TRP A 515 -14.09 -17.99 21.26
CA TRP A 515 -13.63 -18.20 22.64
C TRP A 515 -13.50 -19.72 22.86
N ASN A 516 -12.32 -20.17 23.29
CA ASN A 516 -12.15 -21.54 23.81
C ASN A 516 -12.25 -21.48 25.36
N ARG A 517 -13.33 -22.00 25.93
CA ARG A 517 -13.62 -21.82 27.35
C ARG A 517 -12.50 -22.45 28.13
N SER A 518 -12.01 -23.62 27.68
CA SER A 518 -10.99 -24.37 28.46
C SER A 518 -9.59 -23.78 28.46
N THR A 519 -9.08 -23.27 27.34
CA THR A 519 -7.80 -22.54 27.39
C THR A 519 -7.96 -21.07 27.78
N GLY A 520 -9.16 -20.53 27.66
CA GLY A 520 -9.35 -19.12 27.92
C GLY A 520 -8.90 -18.25 26.73
N GLU A 521 -8.73 -18.84 25.55
CA GLU A 521 -8.31 -18.03 24.39
C GLU A 521 -9.48 -17.34 23.77
N LEU A 522 -9.34 -16.04 23.59
CA LEU A 522 -10.43 -15.22 23.06
C LEU A 522 -9.91 -14.32 21.96
N ILE A 523 -10.60 -14.30 20.83
CA ILE A 523 -10.15 -13.54 19.65
C ILE A 523 -11.32 -12.61 19.18
N THR A 524 -11.00 -11.33 18.98
CA THR A 524 -11.88 -10.34 18.43
C THR A 524 -11.44 -9.97 16.99
N PHE A 525 -12.38 -10.02 16.04
CA PHE A 525 -12.05 -9.91 14.58
C PHE A 525 -13.25 -9.36 13.80
N ASP A 526 -13.15 -9.33 12.48
CA ASP A 526 -14.31 -9.04 11.63
C ASP A 526 -14.66 -10.36 10.94
N ASP A 527 -15.97 -10.67 10.83
CA ASP A 527 -16.41 -11.84 10.06
C ASP A 527 -17.40 -11.32 8.98
N HIS A 528 -18.00 -12.25 8.24
CA HIS A 528 -18.95 -11.95 7.19
C HIS A 528 -20.04 -11.00 7.72
N ARG A 529 -20.65 -11.33 8.86
CA ARG A 529 -21.76 -10.56 9.38
C ARG A 529 -21.37 -9.15 9.73
N SER A 530 -20.22 -9.00 10.42
CA SER A 530 -19.81 -7.66 10.91
C SER A 530 -19.36 -6.78 9.72
N VAL A 531 -18.79 -7.42 8.71
CA VAL A 531 -18.41 -6.70 7.50
C VAL A 531 -19.66 -6.31 6.70
N LEU A 532 -20.64 -7.21 6.63
CA LEU A 532 -21.93 -6.78 5.99
C LEU A 532 -22.52 -5.61 6.72
N ALA A 533 -22.43 -5.60 8.07
CA ALA A 533 -22.91 -4.46 8.86
C ALA A 533 -22.11 -3.16 8.58
N LYS A 534 -20.81 -3.27 8.37
CA LYS A 534 -20.01 -2.11 8.02
C LYS A 534 -20.40 -1.59 6.64
N GLY A 535 -20.72 -2.47 5.69
CA GLY A 535 -21.18 -1.99 4.37
C GLY A 535 -22.54 -1.33 4.40
N ASN A 536 -23.44 -1.93 5.14
CA ASN A 536 -24.73 -1.31 5.41
C ASN A 536 -24.61 0.08 6.02
N TYR A 537 -23.68 0.21 6.97
CA TYR A 537 -23.44 1.45 7.70
C TYR A 537 -22.84 2.45 6.70
N ALA A 538 -21.91 1.97 5.87
CA ALA A 538 -21.32 2.86 4.86
C ALA A 538 -22.35 3.35 3.84
N LYS A 539 -23.20 2.44 3.39
CA LYS A 539 -24.35 2.85 2.55
C LYS A 539 -25.23 3.89 3.25
N SER A 540 -25.68 3.65 4.50
CA SER A 540 -26.58 4.58 5.18
C SER A 540 -26.01 5.95 5.33
N LEU A 541 -24.70 6.02 5.62
CA LEU A 541 -24.04 7.34 5.84
C LEU A 541 -23.52 8.00 4.56
N GLY A 542 -23.52 7.26 3.46
CA GLY A 542 -22.90 7.76 2.24
C GLY A 542 -21.37 7.89 2.40
N LEU A 543 -20.72 6.95 3.12
CA LEU A 543 -19.23 6.90 3.15
C LEU A 543 -18.67 6.56 1.75
N ALA A 544 -17.42 6.92 1.46
CA ALA A 544 -16.78 6.59 0.17
C ALA A 544 -16.73 5.09 -0.10
N GLY A 545 -16.61 4.26 0.94
CA GLY A 545 -16.54 2.77 0.77
C GLY A 545 -15.76 2.14 1.92
N LEU A 546 -15.10 1.00 1.65
CA LEU A 546 -14.42 0.22 2.68
C LEU A 546 -12.96 -0.01 2.31
N PHE A 547 -12.09 -0.11 3.30
CA PHE A 547 -10.70 -0.55 3.01
C PHE A 547 -10.33 -1.60 4.05
N SER A 548 -9.24 -2.30 3.83
CA SER A 548 -8.88 -3.41 4.74
C SER A 548 -7.37 -3.48 4.99
N TRP A 549 -6.99 -3.92 6.19
CA TRP A 549 -5.63 -4.23 6.53
C TRP A 549 -5.65 -5.71 6.95
N GLU A 550 -4.88 -6.61 6.33
CA GLU A 550 -3.98 -6.48 5.16
C GLU A 550 -4.34 -7.67 4.25
N ILE A 551 -4.25 -7.59 2.91
CA ILE A 551 -4.97 -8.61 2.08
C ILE A 551 -4.35 -9.99 2.21
N ASP A 552 -3.10 -10.08 2.63
CA ASP A 552 -2.43 -11.37 2.70
C ASP A 552 -3.06 -12.26 3.74
N ALA A 553 -3.72 -11.63 4.72
CA ALA A 553 -4.32 -12.34 5.83
C ALA A 553 -5.77 -12.78 5.54
N ASP A 554 -6.37 -12.28 4.43
CA ASP A 554 -7.72 -12.69 3.98
C ASP A 554 -7.68 -14.03 3.20
N ASN A 555 -8.79 -14.77 3.15
CA ASN A 555 -8.90 -15.98 2.26
C ASN A 555 -9.99 -15.74 1.25
N GLY A 556 -10.46 -14.50 1.13
CA GLY A 556 -11.51 -14.17 0.19
C GLY A 556 -12.73 -13.72 0.98
N ASP A 557 -12.95 -14.28 2.17
CA ASP A 557 -14.19 -14.05 2.90
C ASP A 557 -14.45 -12.55 3.23
N ILE A 558 -13.41 -11.87 3.70
CA ILE A 558 -13.55 -10.46 4.11
C ILE A 558 -13.78 -9.54 2.92
N LEU A 559 -12.91 -9.62 1.92
CA LEU A 559 -13.12 -8.84 0.69
C LEU A 559 -14.46 -9.18 0.07
N ASN A 560 -14.84 -10.46 -0.03
CA ASN A 560 -16.17 -10.77 -0.55
C ASN A 560 -17.27 -10.06 0.20
N ALA A 561 -17.20 -10.06 1.53
CA ALA A 561 -18.29 -9.55 2.35
C ALA A 561 -18.29 -8.02 2.25
N MET A 562 -17.11 -7.42 2.02
CA MET A 562 -17.01 -5.97 1.80
C MET A 562 -17.86 -5.61 0.62
N HIS A 563 -17.66 -6.39 -0.46
CA HIS A 563 -18.42 -6.22 -1.70
C HIS A 563 -19.91 -6.45 -1.54
N GLU A 564 -20.27 -7.53 -0.83
CA GLU A 564 -21.69 -7.88 -0.65
C GLU A 564 -22.44 -6.82 0.09
N GLY A 565 -21.85 -6.37 1.18
CA GLY A 565 -22.51 -5.30 1.94
C GLY A 565 -22.69 -3.96 1.23
N MET A 566 -21.97 -3.71 0.12
CA MET A 566 -22.22 -2.46 -0.67
C MET A 566 -23.04 -2.72 -1.92
N ALA A 567 -23.57 -3.93 -2.06
CA ALA A 567 -24.33 -4.24 -3.26
C ALA A 567 -25.46 -3.19 -3.46
N GLY A 568 -25.51 -2.62 -4.65
CA GLY A 568 -26.58 -1.71 -5.03
C GLY A 568 -26.20 -0.25 -4.82
N GLY A 569 -25.19 -0.01 -3.98
CA GLY A 569 -24.81 1.35 -3.59
C GLY A 569 -23.94 2.09 -4.60
N VAL A 570 -24.13 3.41 -4.61
CA VAL A 570 -23.34 4.31 -5.44
C VAL A 570 -22.94 5.54 -4.55
N VAL A 571 -21.74 6.10 -4.75
CA VAL A 571 -21.39 7.37 -4.04
C VAL A 571 -20.92 8.39 -5.02
N THR A 572 -20.96 9.66 -4.59
CA THR A 572 -20.37 10.74 -5.35
C THR A 572 -18.82 10.71 -5.15
N PRO A 573 -18.03 10.55 -6.22
CA PRO A 573 -16.59 10.73 -5.99
C PRO A 573 -16.26 12.13 -5.40
N PRO A 574 -15.12 12.27 -4.68
CA PRO A 574 -14.83 13.61 -4.15
C PRO A 574 -14.23 14.60 -5.19
N ASN A 575 -13.97 15.84 -4.73
CA ASN A 575 -12.98 16.76 -5.32
C ASN A 575 -11.99 17.37 -4.24
N ARG A 576 -10.71 17.58 -4.62
CA ARG A 576 -9.59 17.97 -3.70
C ARG A 576 -9.46 19.46 -3.34
C1 GOL B . 12.39 0.01 -48.87
O1 GOL B . 12.53 -1.38 -48.77
C2 GOL B . 13.74 0.67 -48.55
O2 GOL B . 14.72 0.36 -49.54
C3 GOL B . 14.17 0.17 -47.17
O3 GOL B . 15.49 0.60 -46.97
#